data_2BQ6
#
_entry.id   2BQ6
#
_cell.length_a   55.400
_cell.length_b   70.650
_cell.length_c   76.270
_cell.angle_alpha   90.00
_cell.angle_beta   90.00
_cell.angle_gamma   90.00
#
_symmetry.space_group_name_H-M   'P 21 21 21'
#
loop_
_entity.id
_entity.type
_entity.pdbx_description
1 polymer 'COAGULATION FACTOR X'
2 polymer 'FACTOR XA'
3 non-polymer 'CALCIUM ION'
4 non-polymer 1-{[5-(5-CHLORO-2-THIENYL)ISOXAZOL-3-YL]METHYL}-3-CYANO-N-(1-ISOPROPYLPIPERIDIN-4-YL)-7-METHYL-1H-INDOLE-2-CARBOXAMIDE
5 water water
#
loop_
_entity_poly.entity_id
_entity_poly.type
_entity_poly.pdbx_seq_one_letter_code
_entity_poly.pdbx_strand_id
1 'polypeptide(L)' RKLCSLDNGDCDQFCHEEQNSVVCSCARGYTLADNGKACIPTGPYPCGKQTL A
2 'polypeptide(L)'
;FNQTQPERGDNNLTRIVGGQECKDGECPWQALLINEENEGFCGGTILSEFYILTAAHCLYQAKRFKVRVGDRNTEQEEGG
EAVHEVEVVIKHNRFTKETYDFDIAVLRLKTPITFRMNVAPACLPERDWAESTLMTQKTGIVSGFGRTHEKGRQSTRLKM
LEVPYVDRNSCKLSSSFIITQNMFCAGYDTKQEDACQGDSGGPHVTRFKDTYFVTGIVSWGEGCARKGKYGIYTKVTAFL
KWIDRSMKT
;
B
#
loop_
_chem_comp.id
_chem_comp.type
_chem_comp.name
_chem_comp.formula
CA non-polymer 'CALCIUM ION' 'Ca 2'
IIB non-polymer 1-{[5-(5-CHLORO-2-THIENYL)ISOXAZOL-3-YL]METHYL}-3-CYANO-N-(1-ISOPROPYLPIPERIDIN-4-YL)-7-METHYL-1H-INDOLE-2-CARBOXAMIDE 'C27 H28 Cl N5 O2 S'
#
# COMPACT_ATOMS: atom_id res chain seq x y z
N ARG A 1 -23.30 -14.49 -12.49
CA ARG A 1 -21.91 -14.32 -13.02
C ARG A 1 -21.87 -14.41 -14.56
N LYS A 2 -21.00 -13.61 -15.18
CA LYS A 2 -20.90 -13.56 -16.65
C LYS A 2 -19.69 -12.69 -17.08
N LEU A 3 -19.01 -13.07 -18.15
CA LEU A 3 -17.82 -12.33 -18.63
C LEU A 3 -16.79 -12.05 -17.55
N CYS A 4 -16.33 -10.80 -17.46
CA CYS A 4 -15.33 -10.45 -16.44
C CYS A 4 -15.85 -10.79 -15.04
N SER A 5 -17.17 -10.93 -14.93
CA SER A 5 -17.80 -11.27 -13.66
C SER A 5 -17.50 -12.73 -13.32
N LEU A 6 -17.06 -13.48 -14.32
CA LEU A 6 -16.72 -14.89 -14.13
C LEU A 6 -15.21 -15.05 -14.22
N ASP A 7 -14.62 -15.55 -13.15
CA ASP A 7 -13.17 -15.74 -13.03
C ASP A 7 -12.37 -14.66 -13.78
N ASN A 8 -12.63 -13.41 -13.42
CA ASN A 8 -11.95 -12.28 -14.02
C ASN A 8 -11.86 -12.41 -15.53
N GLY A 9 -12.81 -13.12 -16.12
CA GLY A 9 -12.82 -13.30 -17.56
C GLY A 9 -11.56 -13.96 -18.06
N ASP A 10 -10.87 -14.64 -17.15
CA ASP A 10 -9.64 -15.34 -17.45
C ASP A 10 -8.44 -14.45 -17.73
N CYS A 11 -8.51 -13.21 -17.30
CA CYS A 11 -7.39 -12.30 -17.48
C CYS A 11 -6.41 -12.50 -16.31
N ASP A 12 -5.14 -12.25 -16.57
CA ASP A 12 -4.12 -12.38 -15.53
C ASP A 12 -4.31 -11.19 -14.61
N GLN A 13 -4.70 -10.07 -15.20
CA GLN A 13 -4.89 -8.86 -14.43
C GLN A 13 -6.17 -8.12 -14.76
N PHE A 14 -6.02 -6.90 -15.26
CA PHE A 14 -7.16 -6.06 -15.60
C PHE A 14 -8.08 -6.70 -16.61
N CYS A 15 -9.38 -6.66 -16.32
CA CYS A 15 -10.42 -7.19 -17.19
C CYS A 15 -11.45 -6.08 -17.31
N HIS A 16 -12.04 -5.94 -18.49
CA HIS A 16 -13.07 -4.93 -18.67
C HIS A 16 -13.97 -5.18 -19.87
N GLU A 17 -15.21 -5.60 -19.57
CA GLU A 17 -16.23 -5.88 -20.56
C GLU A 17 -16.42 -4.68 -21.49
N GLU A 18 -17.03 -4.93 -22.64
CA GLU A 18 -17.29 -3.88 -23.63
C GLU A 18 -17.82 -4.56 -24.89
N GLN A 19 -19.14 -4.52 -25.08
CA GLN A 19 -19.76 -5.19 -26.23
C GLN A 19 -19.50 -6.67 -25.99
N ASN A 20 -20.50 -7.35 -25.45
CA ASN A 20 -20.41 -8.79 -25.16
C ASN A 20 -19.11 -9.45 -25.64
N SER A 21 -18.03 -9.23 -24.89
CA SER A 21 -16.70 -9.80 -25.16
C SER A 21 -15.73 -9.24 -24.12
N VAL A 22 -14.72 -10.03 -23.74
CA VAL A 22 -13.75 -9.59 -22.73
C VAL A 22 -12.48 -9.02 -23.33
N VAL A 23 -11.87 -8.08 -22.60
CA VAL A 23 -10.63 -7.46 -23.03
C VAL A 23 -9.67 -7.44 -21.84
N CYS A 24 -8.52 -8.08 -21.98
CA CYS A 24 -7.53 -8.13 -20.91
C CYS A 24 -6.41 -7.12 -21.07
N SER A 25 -5.87 -6.68 -19.94
CA SER A 25 -4.80 -5.72 -19.93
C SER A 25 -3.96 -5.90 -18.67
N CYS A 26 -2.75 -5.34 -18.70
CA CYS A 26 -1.79 -5.42 -17.60
C CYS A 26 -1.26 -4.06 -17.19
N ALA A 27 -0.81 -3.98 -15.94
CA ALA A 27 -0.25 -2.75 -15.44
C ALA A 27 1.06 -2.52 -16.19
N ARG A 28 1.66 -1.37 -15.98
CA ARG A 28 2.91 -1.06 -16.64
C ARG A 28 3.98 -1.92 -16.03
N GLY A 29 4.77 -2.56 -16.89
CA GLY A 29 5.83 -3.44 -16.45
C GLY A 29 5.57 -4.80 -17.04
N TYR A 30 4.32 -5.00 -17.46
CA TYR A 30 3.88 -6.25 -18.06
C TYR A 30 3.31 -5.99 -19.43
N THR A 31 3.58 -6.90 -20.36
CA THR A 31 3.09 -6.80 -21.74
C THR A 31 2.10 -7.94 -21.96
N LEU A 32 0.99 -7.68 -22.64
CA LEU A 32 -0.01 -8.73 -22.85
C LEU A 32 0.48 -9.91 -23.69
N ALA A 33 0.31 -11.12 -23.19
CA ALA A 33 0.74 -12.34 -23.87
C ALA A 33 -0.08 -12.69 -25.11
N ASP A 34 0.45 -13.64 -25.89
CA ASP A 34 -0.22 -14.08 -27.10
C ASP A 34 -1.70 -14.30 -26.83
N ASN A 35 -2.03 -15.22 -25.93
CA ASN A 35 -3.43 -15.52 -25.62
C ASN A 35 -4.25 -14.28 -25.30
N GLY A 36 -3.57 -13.14 -25.15
CA GLY A 36 -4.27 -11.90 -24.84
C GLY A 36 -4.95 -11.91 -23.49
N LYS A 37 -4.61 -12.89 -22.66
CA LYS A 37 -5.19 -12.99 -21.32
C LYS A 37 -4.12 -12.91 -20.24
N ALA A 38 -2.98 -13.55 -20.45
CA ALA A 38 -1.91 -13.50 -19.45
C ALA A 38 -1.15 -12.18 -19.57
N CYS A 39 -0.28 -11.91 -18.60
CA CYS A 39 0.52 -10.70 -18.56
C CYS A 39 1.99 -11.03 -18.33
N ILE A 40 2.79 -10.77 -19.36
CA ILE A 40 4.21 -11.06 -19.35
C ILE A 40 5.06 -9.93 -18.84
N PRO A 41 5.89 -10.20 -17.83
CA PRO A 41 6.80 -9.23 -17.22
C PRO A 41 7.81 -8.74 -18.24
N THR A 42 7.81 -7.43 -18.47
CA THR A 42 8.74 -6.81 -19.41
C THR A 42 10.14 -6.80 -18.79
N GLY A 43 10.27 -6.08 -17.67
CA GLY A 43 11.56 -5.98 -17.01
C GLY A 43 11.79 -7.13 -16.03
N PRO A 44 12.94 -7.12 -15.31
CA PRO A 44 13.30 -8.15 -14.33
C PRO A 44 12.48 -8.03 -13.06
N TYR A 45 12.06 -6.80 -12.75
CA TYR A 45 11.29 -6.54 -11.55
C TYR A 45 9.99 -5.83 -11.86
N PRO A 46 9.00 -6.58 -12.36
CA PRO A 46 7.71 -5.98 -12.68
C PRO A 46 7.05 -5.71 -11.34
N CYS A 47 6.13 -4.76 -11.27
CA CYS A 47 5.52 -4.45 -10.00
C CYS A 47 4.67 -5.61 -9.51
N GLY A 48 4.36 -5.60 -8.21
CA GLY A 48 3.52 -6.63 -7.63
C GLY A 48 4.05 -8.03 -7.50
N LYS A 49 5.33 -8.23 -7.78
CA LYS A 49 5.93 -9.54 -7.65
C LYS A 49 6.95 -9.54 -6.53
N GLN A 50 6.80 -10.46 -5.57
CA GLN A 50 7.75 -10.55 -4.49
C GLN A 50 8.99 -11.06 -5.20
N THR A 51 10.16 -10.69 -4.69
CA THR A 51 11.42 -11.12 -5.29
C THR A 51 11.84 -12.47 -4.75
N LEU A 52 10.93 -13.44 -4.81
CA LEU A 52 11.11 -14.80 -4.33
C LEU A 52 10.78 -14.88 -2.84
N ILE B 16 3.68 -3.52 13.26
CA ILE B 16 2.33 -4.18 13.19
C ILE B 16 2.08 -5.03 14.43
N VAL B 17 0.83 -5.16 14.83
CA VAL B 17 0.47 -5.95 16.00
C VAL B 17 0.05 -7.37 15.60
N GLY B 18 1.00 -8.29 15.69
CA GLY B 18 0.73 -9.66 15.32
C GLY B 18 1.46 -9.91 14.02
N GLY B 19 0.88 -10.76 13.17
CA GLY B 19 1.50 -11.08 11.90
C GLY B 19 2.92 -11.56 12.04
N GLN B 20 3.55 -11.88 10.91
CA GLN B 20 4.94 -12.34 10.94
C GLN B 20 5.85 -11.25 10.38
N GLU B 21 7.16 -11.49 10.44
CA GLU B 21 8.06 -10.52 9.90
C GLU B 21 8.18 -10.87 8.42
N CYS B 22 8.40 -9.86 7.58
CA CYS B 22 8.54 -10.08 6.15
C CYS B 22 9.83 -10.84 5.88
N LYS B 23 9.69 -11.96 5.19
CA LYS B 23 10.84 -12.78 4.87
C LYS B 23 11.55 -12.21 3.66
N ASP B 24 12.79 -12.61 3.47
CA ASP B 24 13.56 -12.07 2.36
C ASP B 24 12.80 -12.05 1.04
N GLY B 25 12.35 -10.87 0.64
CA GLY B 25 11.66 -10.72 -0.63
C GLY B 25 10.16 -10.50 -0.59
N GLU B 26 9.53 -10.86 0.53
CA GLU B 26 8.10 -10.73 0.69
C GLU B 26 7.50 -9.35 0.55
N CYS B 27 8.15 -8.35 1.14
CA CYS B 27 7.60 -7.01 1.09
C CYS B 27 8.53 -6.00 0.42
N PRO B 28 8.82 -6.19 -0.87
CA PRO B 28 9.71 -5.29 -1.61
C PRO B 28 9.23 -3.83 -1.71
N TRP B 29 7.94 -3.66 -1.98
CA TRP B 29 7.35 -2.34 -2.10
C TRP B 29 7.33 -1.52 -0.80
N GLN B 30 7.83 -2.09 0.30
CA GLN B 30 7.85 -1.35 1.56
C GLN B 30 8.84 -0.19 1.50
N ALA B 31 8.46 0.96 2.04
CA ALA B 31 9.34 2.12 2.05
C ALA B 31 9.29 2.69 3.46
N LEU B 32 10.39 3.30 3.89
CA LEU B 32 10.46 3.88 5.23
C LEU B 32 10.84 5.34 5.25
N LEU B 33 10.15 6.10 6.09
CA LEU B 33 10.40 7.53 6.21
C LEU B 33 11.25 7.78 7.45
N ILE B 34 12.41 8.36 7.24
CA ILE B 34 13.34 8.66 8.33
C ILE B 34 13.58 10.16 8.50
N ASN B 35 13.53 10.63 9.74
CA ASN B 35 13.75 12.05 10.02
C ASN B 35 15.24 12.42 10.10
N GLU B 36 15.51 13.60 10.68
CA GLU B 36 16.89 14.09 10.79
C GLU B 36 17.79 13.13 11.53
N GLU B 37 17.22 12.49 12.55
CA GLU B 37 17.98 11.52 13.34
C GLU B 37 17.90 10.12 12.76
N ASN B 38 17.59 10.04 11.46
CA ASN B 38 17.48 8.76 10.75
C ASN B 38 16.59 7.72 11.43
N GLU B 39 15.41 8.17 11.87
CA GLU B 39 14.47 7.27 12.52
C GLU B 39 13.24 7.04 11.66
N GLY B 40 12.73 5.82 11.69
CA GLY B 40 11.55 5.52 10.89
C GLY B 40 10.31 5.96 11.64
N PHE B 41 9.63 6.98 11.12
CA PHE B 41 8.41 7.44 11.76
C PHE B 41 7.18 6.98 11.00
N CYS B 42 7.33 6.81 9.69
CA CYS B 42 6.19 6.40 8.88
C CYS B 42 6.59 5.37 7.83
N GLY B 43 5.59 4.90 7.08
CA GLY B 43 5.81 3.92 6.04
C GLY B 43 5.57 4.49 4.66
N GLY B 44 5.82 3.69 3.64
CA GLY B 44 5.62 4.16 2.29
C GLY B 44 5.50 2.99 1.37
N THR B 45 5.09 3.27 0.14
CA THR B 45 4.93 2.24 -0.84
C THR B 45 5.68 2.67 -2.09
N ILE B 46 6.43 1.75 -2.68
CA ILE B 46 7.18 2.05 -3.88
C ILE B 46 6.22 1.96 -5.05
N LEU B 47 6.00 3.08 -5.73
CA LEU B 47 5.11 3.09 -6.88
C LEU B 47 5.92 2.80 -8.13
N SER B 48 7.06 3.47 -8.22
CA SER B 48 7.97 3.32 -9.33
C SER B 48 9.31 3.90 -8.91
N GLU B 49 10.36 3.54 -9.63
CA GLU B 49 11.72 4.00 -9.35
C GLU B 49 11.86 5.42 -8.83
N PHE B 50 11.05 6.33 -9.36
CA PHE B 50 11.12 7.73 -8.94
C PHE B 50 10.00 8.15 -7.99
N TYR B 51 9.03 7.25 -7.74
CA TYR B 51 7.89 7.60 -6.89
C TYR B 51 7.47 6.74 -5.70
N ILE B 52 7.17 7.43 -4.59
CA ILE B 52 6.73 6.83 -3.32
C ILE B 52 5.35 7.35 -2.83
N LEU B 53 4.47 6.43 -2.47
CA LEU B 53 3.15 6.79 -1.98
C LEU B 53 3.14 6.82 -0.47
N THR B 54 2.43 7.77 0.12
CA THR B 54 2.38 7.83 1.57
C THR B 54 1.20 8.64 2.09
N ALA B 55 1.02 8.62 3.40
CA ALA B 55 -0.07 9.36 4.02
C ALA B 55 0.32 10.84 4.21
N ALA B 56 -0.66 11.73 4.04
CA ALA B 56 -0.41 13.16 4.20
C ALA B 56 -0.12 13.54 5.64
N HIS B 57 -0.81 12.91 6.58
CA HIS B 57 -0.59 13.21 7.98
C HIS B 57 0.85 12.95 8.41
N CYS B 58 1.57 12.11 7.66
CA CYS B 58 2.96 11.84 7.99
C CYS B 58 3.80 13.07 7.72
N LEU B 59 3.44 13.82 6.69
CA LEU B 59 4.19 15.01 6.32
C LEU B 59 4.37 16.00 7.47
N TYR B 60 3.57 15.86 8.52
CA TYR B 60 3.66 16.78 9.67
C TYR B 60 4.40 16.15 10.83
N GLN B 61 4.91 14.94 10.63
CA GLN B 61 5.63 14.23 11.68
C GLN B 61 7.13 14.56 11.70
N ALA B 62 7.63 15.21 10.66
CA ALA B 62 9.05 15.57 10.58
C ALA B 62 9.29 16.89 9.85
N LYS B 63 10.29 17.64 10.32
CA LYS B 63 10.62 18.93 9.72
C LYS B 63 11.48 18.72 8.46
N ARG B 64 12.17 17.58 8.42
CA ARG B 64 13.04 17.20 7.30
C ARG B 64 13.21 15.69 7.38
N PHE B 65 12.96 14.97 6.29
CA PHE B 65 13.10 13.52 6.32
C PHE B 65 13.53 12.93 4.99
N LYS B 66 14.00 11.68 5.02
CA LYS B 66 14.43 10.98 3.83
C LYS B 66 13.71 9.64 3.76
N VAL B 67 13.96 8.89 2.70
CA VAL B 67 13.31 7.60 2.53
C VAL B 67 14.31 6.46 2.40
N ARG B 68 14.02 5.34 3.06
CA ARG B 68 14.87 4.17 3.01
C ARG B 68 14.05 3.03 2.44
N VAL B 69 14.69 2.23 1.61
CA VAL B 69 14.01 1.10 0.98
C VAL B 69 14.79 -0.20 1.11
N GLY B 70 14.07 -1.31 0.97
CA GLY B 70 14.68 -2.62 1.05
C GLY B 70 15.30 -2.92 2.40
N ASP B 71 14.65 -2.48 3.46
CA ASP B 71 15.17 -2.71 4.80
C ASP B 71 14.23 -3.57 5.61
N ARG B 72 14.78 -4.52 6.34
CA ARG B 72 13.95 -5.39 7.16
C ARG B 72 14.39 -5.45 8.61
N ASN B 73 15.55 -4.86 8.91
CA ASN B 73 16.08 -4.86 10.28
C ASN B 73 16.78 -3.53 10.54
N THR B 74 16.00 -2.52 10.91
CA THR B 74 16.53 -1.18 11.17
C THR B 74 17.89 -1.15 11.87
N GLU B 75 18.14 -2.11 12.75
CA GLU B 75 19.40 -2.15 13.49
C GLU B 75 20.33 -3.27 13.07
N GLN B 76 20.74 -3.29 11.81
CA GLN B 76 21.63 -4.33 11.31
C GLN B 76 21.57 -4.31 9.81
N GLU B 77 22.40 -3.49 9.19
CA GLU B 77 22.44 -3.36 7.75
C GLU B 77 22.66 -4.66 6.97
N GLU B 78 21.80 -4.87 5.97
CA GLU B 78 21.82 -6.05 5.12
C GLU B 78 22.46 -5.76 3.77
N GLY B 79 23.19 -4.65 3.69
CA GLY B 79 23.84 -4.27 2.45
C GLY B 79 22.89 -3.96 1.30
N GLY B 80 21.60 -4.23 1.50
CA GLY B 80 20.61 -3.98 0.48
C GLY B 80 19.89 -2.65 0.61
N GLU B 81 19.85 -2.12 1.83
CA GLU B 81 19.17 -0.84 2.06
C GLU B 81 19.60 0.18 1.01
N ALA B 82 18.97 1.34 1.06
CA ALA B 82 19.28 2.44 0.15
C ALA B 82 18.49 3.65 0.63
N VAL B 83 19.17 4.76 0.86
CA VAL B 83 18.50 5.97 1.32
C VAL B 83 18.43 6.98 0.19
N HIS B 84 17.22 7.45 -0.10
CA HIS B 84 17.01 8.43 -1.16
C HIS B 84 16.46 9.71 -0.58
N GLU B 85 16.96 10.83 -1.10
CA GLU B 85 16.51 12.13 -0.65
C GLU B 85 15.23 12.48 -1.38
N VAL B 86 14.31 13.09 -0.65
CA VAL B 86 13.04 13.50 -1.22
C VAL B 86 13.31 14.78 -2.01
N GLU B 87 12.91 14.80 -3.28
CA GLU B 87 13.11 15.96 -4.13
C GLU B 87 11.87 16.84 -4.18
N VAL B 88 10.70 16.20 -4.15
CA VAL B 88 9.45 16.93 -4.20
C VAL B 88 8.39 16.24 -3.39
N VAL B 89 7.57 17.03 -2.72
CA VAL B 89 6.50 16.51 -1.89
C VAL B 89 5.17 16.97 -2.47
N ILE B 90 4.39 16.02 -2.98
CA ILE B 90 3.10 16.35 -3.56
C ILE B 90 1.96 15.92 -2.64
N LYS B 91 1.55 16.83 -1.78
CA LYS B 91 0.46 16.55 -0.86
C LYS B 91 -0.87 16.90 -1.51
N HIS B 92 -1.96 16.38 -0.95
CA HIS B 92 -3.29 16.64 -1.47
C HIS B 92 -3.85 17.87 -0.75
N ASN B 93 -3.97 18.98 -1.49
CA ASN B 93 -4.45 20.24 -0.94
C ASN B 93 -5.77 20.15 -0.20
N ARG B 94 -6.54 19.11 -0.49
CA ARG B 94 -7.82 18.94 0.19
C ARG B 94 -7.75 18.16 1.50
N PHE B 95 -6.56 17.68 1.85
CA PHE B 95 -6.37 16.93 3.09
C PHE B 95 -6.66 17.85 4.26
N THR B 96 -7.25 17.32 5.32
CA THR B 96 -7.54 18.14 6.48
C THR B 96 -7.32 17.43 7.82
N LYS B 97 -6.34 17.92 8.56
CA LYS B 97 -5.99 17.36 9.87
C LYS B 97 -7.24 17.19 10.76
N GLU B 98 -8.25 18.00 10.49
CA GLU B 98 -9.48 17.96 11.29
C GLU B 98 -10.25 16.67 11.19
N THR B 99 -10.13 15.99 10.05
CA THR B 99 -10.85 14.76 9.80
C THR B 99 -9.99 13.70 9.14
N TYR B 100 -8.79 14.11 8.71
CA TYR B 100 -7.85 13.22 8.05
C TYR B 100 -8.39 12.83 6.70
N ASP B 101 -9.37 13.57 6.22
CA ASP B 101 -9.92 13.25 4.94
C ASP B 101 -8.86 13.60 3.95
N PHE B 102 -8.80 12.83 2.87
CA PHE B 102 -7.81 13.02 1.83
C PHE B 102 -6.42 12.84 2.43
N ASP B 103 -6.26 11.75 3.17
CA ASP B 103 -4.98 11.45 3.80
C ASP B 103 -4.08 10.68 2.86
N ILE B 104 -3.45 11.40 1.92
CA ILE B 104 -2.55 10.79 0.95
C ILE B 104 -1.49 11.78 0.46
N ALA B 105 -0.39 11.25 -0.04
CA ALA B 105 0.69 12.06 -0.56
C ALA B 105 1.61 11.20 -1.41
N VAL B 106 2.29 11.85 -2.34
CA VAL B 106 3.23 11.20 -3.22
C VAL B 106 4.55 11.95 -3.07
N LEU B 107 5.66 11.21 -3.13
CA LEU B 107 6.97 11.82 -2.97
C LEU B 107 7.83 11.55 -4.19
N ARG B 108 8.55 12.56 -4.66
CA ARG B 108 9.43 12.40 -5.81
C ARG B 108 10.86 12.32 -5.28
N LEU B 109 11.59 11.29 -5.68
CA LEU B 109 12.95 11.12 -5.23
C LEU B 109 13.95 11.83 -6.14
N LYS B 110 15.01 12.35 -5.54
CA LYS B 110 16.06 13.05 -6.29
C LYS B 110 16.71 12.07 -7.25
N THR B 111 16.98 10.89 -6.73
CA THR B 111 17.63 9.83 -7.49
C THR B 111 16.71 8.64 -7.68
N PRO B 112 16.79 7.99 -8.84
CA PRO B 112 15.94 6.82 -9.10
C PRO B 112 16.35 5.60 -8.28
N ILE B 113 15.37 4.79 -7.93
CA ILE B 113 15.61 3.59 -7.16
C ILE B 113 16.09 2.49 -8.09
N THR B 114 16.74 1.48 -7.53
CA THR B 114 17.25 0.36 -8.30
C THR B 114 16.66 -0.94 -7.75
N PHE B 115 15.70 -1.50 -8.46
CA PHE B 115 15.03 -2.73 -8.06
C PHE B 115 15.96 -3.94 -7.92
N ARG B 116 15.82 -4.65 -6.81
CA ARG B 116 16.65 -5.81 -6.53
C ARG B 116 15.89 -6.77 -5.62
N MET B 117 16.62 -7.54 -4.83
CA MET B 117 16.00 -8.51 -3.93
C MET B 117 14.86 -7.97 -3.08
N ASN B 118 15.08 -6.99 -2.23
CA ASN B 118 13.95 -6.52 -1.43
C ASN B 118 13.49 -5.12 -1.75
N VAL B 119 13.67 -4.73 -3.02
CA VAL B 119 13.30 -3.42 -3.48
C VAL B 119 12.56 -3.49 -4.81
N ALA B 120 11.25 -3.57 -4.74
CA ALA B 120 10.43 -3.63 -5.93
C ALA B 120 9.17 -2.77 -5.69
N PRO B 121 8.51 -2.36 -6.79
CA PRO B 121 7.29 -1.53 -6.72
C PRO B 121 6.00 -2.34 -6.71
N ALA B 122 4.97 -1.80 -6.06
CA ALA B 122 3.65 -2.45 -6.02
C ALA B 122 2.91 -2.01 -7.29
N CYS B 123 1.95 -2.77 -7.78
CA CYS B 123 1.27 -2.34 -8.99
C CYS B 123 0.07 -1.47 -8.67
N LEU B 124 -0.21 -0.50 -9.53
CA LEU B 124 -1.37 0.38 -9.35
C LEU B 124 -2.43 -0.13 -10.29
N PRO B 125 -3.61 -0.48 -9.74
CA PRO B 125 -4.75 -1.00 -10.49
C PRO B 125 -5.63 0.02 -11.23
N GLU B 126 -6.84 -0.43 -11.58
CA GLU B 126 -7.79 0.40 -12.27
C GLU B 126 -8.96 0.49 -11.33
N ARG B 127 -9.33 1.72 -11.00
CA ARG B 127 -10.42 1.94 -10.07
C ARG B 127 -11.58 0.98 -10.31
N ASP B 128 -12.14 1.00 -11.52
CA ASP B 128 -13.26 0.14 -11.83
C ASP B 128 -12.95 -1.33 -11.58
N TRP B 129 -11.79 -1.78 -12.03
CA TRP B 129 -11.41 -3.16 -11.80
C TRP B 129 -11.09 -3.39 -10.33
N ALA B 130 -10.28 -2.50 -9.77
CA ALA B 130 -9.87 -2.60 -8.39
C ALA B 130 -11.04 -2.76 -7.44
N GLU B 131 -11.89 -1.75 -7.40
CA GLU B 131 -13.07 -1.72 -6.54
C GLU B 131 -13.90 -3.00 -6.62
N SER B 132 -14.04 -3.56 -7.83
CA SER B 132 -14.84 -4.76 -8.04
C SER B 132 -14.13 -6.08 -7.86
N THR B 133 -12.85 -6.15 -8.24
CA THR B 133 -12.08 -7.37 -8.12
C THR B 133 -11.26 -7.40 -6.84
N LEU B 134 -10.21 -6.59 -6.80
CA LEU B 134 -9.34 -6.54 -5.64
C LEU B 134 -10.07 -6.29 -4.33
N MET B 135 -10.64 -5.10 -4.22
CA MET B 135 -11.34 -4.67 -3.02
C MET B 135 -12.38 -5.65 -2.48
N THR B 136 -12.86 -6.54 -3.33
CA THR B 136 -13.86 -7.52 -2.88
C THR B 136 -13.19 -8.84 -2.56
N GLN B 137 -11.87 -8.80 -2.39
CA GLN B 137 -11.12 -9.99 -2.03
C GLN B 137 -11.47 -10.33 -0.60
N LYS B 138 -10.94 -11.44 -0.10
CA LYS B 138 -11.21 -11.81 1.26
C LYS B 138 -10.47 -10.87 2.20
N THR B 139 -9.16 -10.77 1.98
CA THR B 139 -8.32 -9.94 2.82
C THR B 139 -7.24 -9.26 2.01
N GLY B 140 -6.48 -8.39 2.68
CA GLY B 140 -5.37 -7.68 2.06
C GLY B 140 -4.19 -7.74 3.01
N ILE B 141 -3.07 -7.11 2.67
CA ILE B 141 -1.90 -7.16 3.54
C ILE B 141 -1.30 -5.80 3.84
N VAL B 142 -1.05 -5.53 5.11
CA VAL B 142 -0.46 -4.27 5.51
C VAL B 142 0.89 -4.59 6.15
N SER B 143 1.82 -3.66 6.08
CA SER B 143 3.14 -3.90 6.62
C SER B 143 3.86 -2.64 7.11
N GLY B 144 4.92 -2.85 7.89
CA GLY B 144 5.67 -1.73 8.40
C GLY B 144 6.41 -1.97 9.69
N PHE B 145 7.23 -0.99 10.05
CA PHE B 145 8.01 -1.02 11.28
C PHE B 145 7.23 -0.22 12.32
N GLY B 146 5.95 -0.57 12.47
CA GLY B 146 5.13 0.15 13.43
C GLY B 146 5.26 -0.46 14.80
N ARG B 147 4.56 0.12 15.76
CA ARG B 147 4.59 -0.39 17.12
C ARG B 147 3.93 -1.76 17.14
N THR B 148 4.51 -2.69 17.89
CA THR B 148 3.98 -4.04 17.99
C THR B 148 2.76 -4.12 18.94
N HIS B 149 2.61 -3.10 19.79
CA HIS B 149 1.52 -2.98 20.76
C HIS B 149 1.08 -1.53 20.80
N GLU B 150 -0.22 -1.31 21.02
CA GLU B 150 -0.79 0.04 21.06
C GLU B 150 0.08 1.07 21.78
N LYS B 151 0.52 0.73 22.98
CA LYS B 151 1.34 1.62 23.79
C LYS B 151 2.82 1.23 23.81
N GLY B 152 3.17 0.25 22.98
CA GLY B 152 4.55 -0.21 22.92
C GLY B 152 5.45 0.65 22.05
N ARG B 153 6.64 0.12 21.73
CA ARG B 153 7.59 0.87 20.92
C ARG B 153 7.72 0.32 19.49
N GLN B 154 8.29 1.17 18.64
CA GLN B 154 8.53 0.86 17.24
C GLN B 154 9.31 -0.43 17.05
N SER B 155 8.92 -1.22 16.06
CA SER B 155 9.62 -2.47 15.77
C SER B 155 10.82 -2.15 14.91
N THR B 156 11.79 -3.06 14.84
CA THR B 156 12.97 -2.84 14.01
C THR B 156 13.05 -3.96 12.98
N ARG B 157 12.01 -4.78 12.96
CA ARG B 157 11.88 -5.88 12.02
C ARG B 157 10.71 -5.50 11.13
N LEU B 158 10.92 -5.43 9.82
CA LEU B 158 9.81 -5.11 8.94
C LEU B 158 8.75 -6.17 9.15
N LYS B 159 7.52 -5.75 9.45
CA LYS B 159 6.44 -6.71 9.66
C LYS B 159 5.32 -6.60 8.64
N MET B 160 4.51 -7.64 8.56
CA MET B 160 3.38 -7.66 7.65
C MET B 160 2.27 -8.45 8.32
N LEU B 161 1.03 -8.09 8.02
CA LEU B 161 -0.13 -8.76 8.59
C LEU B 161 -1.27 -8.80 7.56
N GLU B 162 -1.97 -9.93 7.51
CA GLU B 162 -3.11 -10.11 6.60
C GLU B 162 -4.39 -9.65 7.29
N VAL B 163 -4.96 -8.54 6.80
CA VAL B 163 -6.16 -7.95 7.36
C VAL B 163 -7.37 -8.17 6.47
N PRO B 164 -8.44 -8.77 7.02
CA PRO B 164 -9.64 -9.01 6.22
C PRO B 164 -10.29 -7.66 5.98
N TYR B 165 -11.08 -7.58 4.92
CA TYR B 165 -11.76 -6.33 4.61
C TYR B 165 -12.99 -6.22 5.51
N VAL B 166 -13.34 -5.00 5.86
CA VAL B 166 -14.49 -4.72 6.71
C VAL B 166 -15.61 -4.04 5.93
N ASP B 167 -16.85 -4.45 6.18
CA ASP B 167 -18.04 -3.91 5.53
C ASP B 167 -18.09 -2.42 5.80
N ARG B 168 -18.43 -1.64 4.77
CA ARG B 168 -18.49 -0.20 4.92
C ARG B 168 -19.37 0.26 6.08
N ASN B 169 -20.60 -0.25 6.08
CA ASN B 169 -21.56 0.07 7.12
C ASN B 169 -20.95 -0.24 8.49
N SER B 170 -20.60 -1.51 8.68
CA SER B 170 -20.01 -1.97 9.93
C SER B 170 -18.88 -1.03 10.29
N CYS B 171 -18.10 -0.65 9.30
CA CYS B 171 -16.98 0.26 9.46
C CYS B 171 -17.47 1.57 10.06
N LYS B 172 -18.15 2.38 9.24
CA LYS B 172 -18.67 3.68 9.69
C LYS B 172 -19.26 3.58 11.08
N LEU B 173 -20.02 2.52 11.29
CA LEU B 173 -20.69 2.28 12.55
C LEU B 173 -19.78 1.98 13.72
N SER B 174 -18.74 1.21 13.49
CA SER B 174 -17.82 0.84 14.56
C SER B 174 -16.86 1.96 14.94
N SER B 175 -16.86 3.03 14.16
CA SER B 175 -15.96 4.15 14.40
C SER B 175 -16.57 5.37 15.07
N SER B 176 -15.93 5.81 16.14
CA SER B 176 -16.37 7.00 16.87
C SER B 176 -15.90 8.23 16.10
N PHE B 177 -15.57 8.01 14.83
CA PHE B 177 -15.13 9.09 13.96
C PHE B 177 -15.73 8.95 12.59
N ILE B 178 -15.83 10.08 11.91
CA ILE B 178 -16.40 10.14 10.58
C ILE B 178 -15.50 9.45 9.54
N ILE B 179 -15.97 8.30 9.02
CA ILE B 179 -15.28 7.50 8.00
C ILE B 179 -15.65 8.04 6.62
N THR B 180 -14.89 9.01 6.10
CA THR B 180 -15.22 9.58 4.80
C THR B 180 -15.14 8.53 3.70
N GLN B 181 -15.33 8.96 2.45
CA GLN B 181 -15.31 8.05 1.31
C GLN B 181 -13.91 7.85 0.74
N ASN B 182 -12.92 8.33 1.47
CA ASN B 182 -11.54 8.20 1.06
C ASN B 182 -10.92 7.25 2.06
N MET B 183 -11.76 6.61 2.85
CA MET B 183 -11.29 5.67 3.86
C MET B 183 -12.03 4.34 3.77
N PHE B 184 -11.47 3.33 4.39
CA PHE B 184 -12.10 2.02 4.43
C PHE B 184 -11.49 1.24 5.58
N CYS B 185 -12.28 0.38 6.18
CA CYS B 185 -11.80 -0.45 7.29
C CYS B 185 -11.21 -1.75 6.80
N ALA B 186 -10.32 -2.27 7.62
CA ALA B 186 -9.65 -3.51 7.35
C ALA B 186 -9.15 -3.88 8.71
N GLY B 187 -9.03 -5.17 8.99
CA GLY B 187 -8.55 -5.55 10.30
C GLY B 187 -9.50 -6.49 10.98
N TYR B 188 -9.34 -6.61 12.30
CA TYR B 188 -10.15 -7.53 13.08
C TYR B 188 -11.05 -6.90 14.13
N ASP B 189 -12.20 -7.55 14.33
CA ASP B 189 -13.19 -7.11 15.29
C ASP B 189 -12.70 -7.26 16.72
N THR B 190 -12.22 -8.45 17.06
CA THR B 190 -11.73 -8.71 18.39
C THR B 190 -10.30 -9.22 18.40
N LYS B 191 -9.94 -9.99 17.37
CA LYS B 191 -8.59 -10.54 17.30
C LYS B 191 -7.55 -9.43 17.44
N GLN B 192 -6.51 -9.70 18.22
CA GLN B 192 -5.46 -8.72 18.48
C GLN B 192 -4.42 -8.52 17.39
N GLU B 193 -4.89 -8.40 16.15
CA GLU B 193 -3.99 -8.16 15.02
C GLU B 193 -4.50 -6.93 14.30
N ASP B 194 -3.60 -5.96 14.12
CA ASP B 194 -3.94 -4.71 13.46
C ASP B 194 -2.69 -3.85 13.36
N ALA B 195 -2.65 -2.94 12.40
CA ALA B 195 -1.49 -2.07 12.25
C ALA B 195 -1.49 -1.05 13.37
N CYS B 196 -0.45 -0.25 13.47
CA CYS B 196 -0.40 0.76 14.52
C CYS B 196 0.51 1.89 14.10
N GLN B 197 0.70 2.83 15.02
CA GLN B 197 1.56 3.97 14.79
C GLN B 197 2.86 3.51 14.12
N GLY B 198 3.43 4.33 13.25
CA GLY B 198 4.66 3.93 12.61
C GLY B 198 4.49 3.24 11.27
N ASP B 199 3.33 2.62 11.08
CA ASP B 199 3.04 1.96 9.83
C ASP B 199 2.32 2.95 8.93
N SER B 200 1.91 4.06 9.55
CA SER B 200 1.21 5.14 8.88
C SER B 200 1.88 5.43 7.54
N GLY B 201 1.09 5.74 6.51
CA GLY B 201 1.67 6.03 5.20
C GLY B 201 2.19 4.77 4.55
N GLY B 202 2.06 3.67 5.29
CA GLY B 202 2.53 2.36 4.83
C GLY B 202 1.69 1.76 3.72
N PRO B 203 2.11 0.62 3.18
CA PRO B 203 1.35 0.00 2.09
C PRO B 203 0.32 -1.06 2.47
N HIS B 204 -0.86 -0.95 1.88
CA HIS B 204 -1.90 -1.92 2.07
C HIS B 204 -2.13 -2.47 0.66
N VAL B 205 -1.78 -3.71 0.43
CA VAL B 205 -1.91 -4.29 -0.90
C VAL B 205 -2.80 -5.52 -0.92
N THR B 206 -3.26 -5.87 -2.11
CA THR B 206 -4.16 -7.02 -2.29
C THR B 206 -3.64 -7.95 -3.38
N ARG B 207 -3.39 -9.21 -3.06
CA ARG B 207 -2.90 -10.15 -4.07
C ARG B 207 -4.00 -10.65 -5.02
N PHE B 208 -3.65 -10.77 -6.30
CA PHE B 208 -4.55 -11.31 -7.31
C PHE B 208 -3.67 -12.12 -8.25
N LYS B 209 -3.79 -13.44 -8.15
CA LYS B 209 -3.00 -14.38 -8.96
C LYS B 209 -1.49 -14.11 -8.75
N ASP B 210 -1.09 -14.06 -7.49
CA ASP B 210 0.31 -13.84 -7.14
C ASP B 210 0.92 -12.55 -7.63
N THR B 211 0.10 -11.53 -7.79
CA THR B 211 0.58 -10.19 -8.19
C THR B 211 -0.06 -9.26 -7.17
N TYR B 212 0.72 -8.32 -6.66
CA TYR B 212 0.19 -7.41 -5.65
C TYR B 212 -0.07 -5.99 -6.12
N PHE B 213 -1.25 -5.49 -5.76
CA PHE B 213 -1.70 -4.17 -6.10
C PHE B 213 -1.85 -3.29 -4.88
N VAL B 214 -1.44 -2.03 -4.99
CA VAL B 214 -1.57 -1.06 -3.89
C VAL B 214 -3.05 -0.80 -3.76
N THR B 215 -3.61 -1.11 -2.61
CA THR B 215 -5.03 -0.92 -2.47
C THR B 215 -5.35 0.07 -1.39
N GLY B 216 -4.38 0.34 -0.52
CA GLY B 216 -4.65 1.28 0.56
C GLY B 216 -3.43 1.98 1.11
N ILE B 217 -3.66 2.85 2.07
CA ILE B 217 -2.59 3.57 2.73
C ILE B 217 -2.90 3.62 4.24
N VAL B 218 -2.04 3.03 5.05
CA VAL B 218 -2.24 3.02 6.50
C VAL B 218 -2.50 4.46 6.93
N SER B 219 -3.66 4.70 7.50
CA SER B 219 -4.04 6.03 7.92
C SER B 219 -4.14 6.24 9.43
N TRP B 220 -5.11 5.60 10.06
CA TRP B 220 -5.29 5.77 11.48
C TRP B 220 -6.27 4.75 12.06
N GLY B 221 -6.42 4.81 13.37
CA GLY B 221 -7.33 3.90 14.05
C GLY B 221 -7.53 4.38 15.47
N GLU B 222 -8.68 4.05 16.03
CA GLU B 222 -8.95 4.44 17.41
C GLU B 222 -8.12 3.53 18.30
N GLY B 223 -6.80 3.67 18.18
CA GLY B 223 -5.91 2.83 18.95
C GLY B 223 -5.40 1.71 18.07
N CYS B 224 -4.97 0.62 18.69
CA CYS B 224 -4.43 -0.52 17.95
C CYS B 224 -4.93 -1.88 18.40
N ALA B 225 -5.52 -2.62 17.47
CA ALA B 225 -6.04 -3.95 17.73
C ALA B 225 -7.30 -3.96 18.61
N ARG B 226 -7.63 -2.79 19.16
CA ARG B 226 -8.79 -2.65 20.04
C ARG B 226 -10.05 -3.35 19.58
N LYS B 227 -10.73 -3.98 20.53
CA LYS B 227 -11.97 -4.69 20.25
C LYS B 227 -13.08 -3.75 19.84
N GLY B 228 -13.68 -4.01 18.68
CA GLY B 228 -14.74 -3.15 18.20
C GLY B 228 -14.21 -2.08 17.26
N LYS B 229 -12.89 -1.89 17.26
CA LYS B 229 -12.25 -0.91 16.38
C LYS B 229 -11.36 -1.61 15.35
N TYR B 230 -11.41 -1.09 14.12
CA TYR B 230 -10.64 -1.63 13.00
C TYR B 230 -9.53 -0.69 12.58
N GLY B 231 -8.91 -1.02 11.45
CA GLY B 231 -7.83 -0.21 10.92
C GLY B 231 -8.39 0.63 9.79
N ILE B 232 -8.15 1.94 9.85
CA ILE B 232 -8.64 2.86 8.83
C ILE B 232 -7.55 3.17 7.83
N TYR B 233 -7.81 2.83 6.57
CA TYR B 233 -6.85 3.05 5.50
C TYR B 233 -7.37 4.01 4.45
N THR B 234 -6.47 4.61 3.69
CA THR B 234 -6.89 5.51 2.64
C THR B 234 -7.27 4.72 1.38
N LYS B 235 -8.55 4.73 1.03
CA LYS B 235 -8.98 4.02 -0.17
C LYS B 235 -8.19 4.57 -1.35
N VAL B 236 -7.16 3.82 -1.77
CA VAL B 236 -6.32 4.25 -2.89
C VAL B 236 -7.00 4.37 -4.27
N THR B 237 -8.01 3.56 -4.54
CA THR B 237 -8.67 3.62 -5.84
C THR B 237 -9.27 4.99 -6.11
N ALA B 238 -9.70 5.66 -5.04
CA ALA B 238 -10.30 6.98 -5.17
C ALA B 238 -9.31 8.02 -5.63
N PHE B 239 -8.03 7.72 -5.54
CA PHE B 239 -7.02 8.69 -5.94
C PHE B 239 -6.15 8.17 -7.05
N LEU B 240 -6.57 7.09 -7.70
CA LEU B 240 -5.80 6.55 -8.78
C LEU B 240 -5.48 7.64 -9.80
N LYS B 241 -6.50 8.41 -10.18
CA LYS B 241 -6.33 9.47 -11.15
C LYS B 241 -5.39 10.54 -10.61
N TRP B 242 -5.59 10.89 -9.34
CA TRP B 242 -4.78 11.91 -8.68
C TRP B 242 -3.31 11.51 -8.57
N ILE B 243 -3.08 10.22 -8.39
CA ILE B 243 -1.73 9.68 -8.25
C ILE B 243 -0.96 9.70 -9.56
N ASP B 244 -1.61 9.30 -10.64
CA ASP B 244 -0.96 9.29 -11.94
C ASP B 244 -0.48 10.68 -12.30
N ARG B 245 -1.37 11.66 -12.15
CA ARG B 245 -1.03 13.05 -12.46
C ARG B 245 0.13 13.55 -11.62
N SER B 246 0.11 13.26 -10.33
CA SER B 246 1.19 13.69 -9.45
C SER B 246 2.51 13.16 -9.98
N MET B 247 2.46 12.02 -10.65
CA MET B 247 3.65 11.41 -11.23
C MET B 247 4.00 12.06 -12.56
N LYS B 248 2.97 12.43 -13.33
CA LYS B 248 3.17 13.04 -14.63
C LYS B 248 4.08 14.27 -14.55
N THR B 249 4.12 14.93 -13.40
CA THR B 249 4.98 16.10 -13.22
C THR B 249 5.84 15.99 -11.95
CA CA C . 19.27 -2.65 8.29
C1 IIB D . -2.10 4.67 20.89
C2 IIB D . -1.90 5.21 19.57
C3 IIB D . -2.96 5.87 18.86
C4 IIB D . -4.25 5.97 19.52
C5 IIB D . -4.45 5.44 20.85
C6 IIB D . -3.38 4.78 21.53
N7 IIB D . -3.13 6.51 17.57
C8 IIB D . -4.46 6.98 17.42
C9 IIB D . -5.14 6.66 18.62
C10 IIB D . -5.01 7.66 16.28
N11 IIB D . -5.80 8.73 16.49
C12 IIB D . -6.61 9.34 15.42
C13 IIB D . -8.08 9.49 15.85
C14 IIB D . -8.88 10.13 14.69
N15 IIB D . -8.26 11.41 14.21
C16 IIB D . -6.84 11.26 13.78
C17 IIB D . -6.02 10.69 14.96
C27 IIB D . -8.98 12.18 13.12
C28 IIB D . -9.26 13.58 13.65
C32 IIB D . -10.30 11.51 12.65
C37 IIB D . -2.05 6.65 16.54
C38 IIB D . -2.12 5.71 15.36
N41 IIB D . -1.22 5.81 14.34
O42 IIB D . -1.55 4.88 13.48
C43 IIB D . -2.62 4.19 13.93
C44 IIB D . -3.05 4.68 15.15
C45 IIB D . -3.28 3.08 13.21
S46 IIB D . -3.24 3.01 11.53
C47 IIB D . -4.18 1.61 11.57
C48 IIB D . -4.53 1.17 12.86
C49 IIB D . -3.99 2.04 13.85
CL50 IIB D . -4.65 0.85 10.12
O56 IIB D . -4.81 7.23 15.15
C7 IIB D . -6.53 6.94 18.98
N1 IIB D . -7.60 7.18 19.27
C11 IIB D . -0.52 4.99 19.07
#